data_5X2D
#
_entry.id   5X2D
#
_cell.length_a   88.397
_cell.length_b   154.082
_cell.length_c   61.631
_cell.angle_alpha   90.00
_cell.angle_beta   90.00
_cell.angle_gamma   90.00
#
_symmetry.space_group_name_H-M   'C 2 2 21'
#
loop_
_entity.id
_entity.type
_entity.pdbx_description
1 polymer 'Tegumental protein 20.8 kDa'
2 water water
#
_entity_poly.entity_id   1
_entity_poly.type   'polypeptide(L)'
_entity_poly.pdbx_seq_one_letter_code
;PSLPPEIIVISANMSLEDQIKIARETIPIAPGAQTSEELGRLTENLKSFADKTFGGCWQVMVVDGSYWITQTFVPNMSFQ
FELYNRAYLFWQTSE
;
_entity_poly.pdbx_strand_id   A,B,C
#
# COMPACT_ATOMS: atom_id res chain seq x y z
N PRO A 1 27.92 -11.01 16.02
CA PRO A 1 28.05 -9.60 16.37
C PRO A 1 26.80 -9.02 17.02
N SER A 2 26.52 -7.75 16.72
CA SER A 2 25.36 -7.05 17.27
C SER A 2 24.88 -5.91 16.37
N LEU A 3 23.76 -5.31 16.75
CA LEU A 3 23.21 -4.15 16.05
C LEU A 3 23.91 -2.86 16.44
N PRO A 4 24.15 -1.99 15.47
CA PRO A 4 24.71 -0.68 15.79
C PRO A 4 23.86 0.01 16.87
N PRO A 5 24.48 0.85 17.71
CA PRO A 5 23.74 1.52 18.79
C PRO A 5 22.68 2.52 18.30
N GLU A 6 22.88 3.10 17.13
CA GLU A 6 21.90 4.02 16.55
C GLU A 6 20.53 3.39 16.43
N ILE A 7 20.50 2.10 16.07
CA ILE A 7 19.25 1.39 15.89
C ILE A 7 18.62 0.91 17.18
N ILE A 8 17.39 1.37 17.41
CA ILE A 8 16.64 0.96 18.58
C ILE A 8 15.47 0.11 18.12
N VAL A 9 15.55 -1.18 18.42
CA VAL A 9 14.57 -2.14 17.98
C VAL A 9 13.25 -1.96 18.71
N ILE A 10 12.18 -1.76 17.95
CA ILE A 10 10.80 -1.81 18.43
C ILE A 10 10.18 -3.23 18.46
N SER A 11 10.33 -3.98 17.37
CA SER A 11 9.86 -5.37 17.30
C SER A 11 10.62 -6.15 16.23
N ALA A 12 10.73 -7.46 16.44
CA ALA A 12 11.37 -8.25 15.42
C ALA A 12 10.77 -9.65 15.36
N ASN A 13 10.48 -10.12 14.16
CA ASN A 13 10.41 -11.55 13.98
C ASN A 13 11.45 -11.87 12.93
N MET A 14 12.63 -12.26 13.39
CA MET A 14 13.80 -12.23 12.52
C MET A 14 15.06 -12.64 13.27
N SER A 15 16.05 -13.13 12.53
CA SER A 15 17.37 -13.44 13.10
C SER A 15 18.11 -12.13 13.24
N LEU A 16 19.11 -12.10 14.12
CA LEU A 16 19.95 -10.90 14.24
C LEU A 16 20.69 -10.67 12.95
N GLU A 17 21.05 -11.78 12.31
CA GLU A 17 21.79 -11.70 11.06
C GLU A 17 21.00 -10.89 10.04
N ASP A 18 19.71 -11.20 9.90
CA ASP A 18 18.87 -10.49 8.96
C ASP A 18 18.52 -9.09 9.45
N GLN A 19 18.60 -8.86 10.74
CA GLN A 19 18.33 -7.53 11.25
C GLN A 19 19.51 -6.63 10.93
N ILE A 20 20.68 -7.19 11.11
CA ILE A 20 21.91 -6.47 10.89
C ILE A 20 22.02 -6.02 9.44
N LYS A 21 21.61 -6.83 8.47
CA LYS A 21 21.88 -6.39 7.09
C LYS A 21 20.88 -5.34 6.65
N ILE A 22 19.74 -5.30 7.33
CA ILE A 22 18.83 -4.18 7.18
C ILE A 22 19.47 -2.92 7.78
N ALA A 23 20.18 -3.06 8.91
CA ALA A 23 20.93 -1.94 9.50
C ALA A 23 21.92 -1.36 8.51
N ARG A 24 22.81 -2.24 8.05
CA ARG A 24 23.84 -1.94 7.06
C ARG A 24 23.36 -1.18 5.82
N GLU A 25 22.26 -1.62 5.22
CA GLU A 25 21.76 -1.00 4.01
C GLU A 25 21.06 0.32 4.31
N THR A 26 20.40 0.39 5.46
CA THR A 26 19.60 1.55 5.85
C THR A 26 20.38 2.78 6.34
N ILE A 27 21.24 2.59 7.33
CA ILE A 27 21.85 3.70 8.03
C ILE A 27 22.61 4.69 7.15
N PRO A 28 23.35 4.19 6.14
CA PRO A 28 23.97 5.23 5.31
C PRO A 28 23.00 6.07 4.46
N ILE A 29 22.02 5.45 3.79
CA ILE A 29 21.20 6.24 2.87
C ILE A 29 19.89 6.79 3.46
N ALA A 30 19.48 6.31 4.62
CA ALA A 30 18.20 6.73 5.22
C ALA A 30 18.18 8.16 5.78
N PRO A 31 19.13 8.52 6.66
CA PRO A 31 19.10 9.88 7.25
C PRO A 31 19.29 11.03 6.26
N GLY A 32 19.78 10.73 5.06
CA GLY A 32 19.95 11.75 4.04
C GLY A 32 18.63 12.29 3.52
N ALA A 33 17.61 11.45 3.51
CA ALA A 33 16.36 11.82 2.84
C ALA A 33 15.32 12.52 3.74
N GLN A 34 14.94 13.75 3.37
CA GLN A 34 13.94 14.61 4.09
C GLN A 34 12.68 14.94 3.31
N THR A 35 12.82 15.29 2.03
CA THR A 35 11.66 15.46 1.17
C THR A 35 10.84 14.16 0.93
N SER A 36 9.60 14.33 0.51
CA SER A 36 8.75 13.20 0.17
C SER A 36 9.21 12.52 -1.13
N GLU A 37 9.87 13.25 -2.01
CA GLU A 37 10.36 12.68 -3.25
C GLU A 37 11.61 11.85 -2.97
N GLU A 38 12.25 12.19 -1.86
CA GLU A 38 13.33 11.42 -1.27
C GLU A 38 12.87 10.13 -0.63
N LEU A 39 11.86 10.27 0.22
CA LEU A 39 11.42 9.20 1.12
C LEU A 39 10.53 8.23 0.39
N GLY A 40 9.69 8.79 -0.48
CA GLY A 40 8.80 8.03 -1.32
C GLY A 40 9.57 6.99 -2.08
N ARG A 41 10.69 7.38 -2.70
CA ARG A 41 11.51 6.41 -3.40
C ARG A 41 12.65 5.88 -2.55
N LEU A 42 12.76 6.33 -1.30
CA LEU A 42 13.66 5.70 -0.33
C LEU A 42 13.10 4.37 0.16
N THR A 43 11.83 4.42 0.54
CA THR A 43 11.15 3.22 0.97
C THR A 43 11.33 2.23 -0.16
N GLU A 44 11.08 2.69 -1.38
CA GLU A 44 11.14 1.82 -2.56
C GLU A 44 12.51 1.18 -2.78
N ASN A 45 13.63 1.90 -2.63
CA ASN A 45 14.90 1.17 -2.78
C ASN A 45 15.25 0.38 -1.50
N LEU A 46 14.51 0.61 -0.41
CA LEU A 46 14.61 -0.28 0.75
C LEU A 46 13.82 -1.59 0.51
N LYS A 47 12.58 -1.44 0.03
CA LYS A 47 11.78 -2.58 -0.38
C LYS A 47 12.56 -3.40 -1.40
N SER A 48 13.06 -2.71 -2.41
CA SER A 48 13.75 -3.38 -3.50
C SER A 48 15.04 -4.02 -3.00
N PHE A 49 15.57 -3.53 -1.88
CA PHE A 49 16.71 -4.19 -1.23
C PHE A 49 16.33 -5.51 -0.59
N ALA A 50 15.22 -5.49 0.16
CA ALA A 50 14.80 -6.65 0.92
C ALA A 50 14.41 -7.77 -0.01
N ASP A 51 13.63 -7.43 -1.04
CA ASP A 51 13.13 -8.46 -1.99
C ASP A 51 14.28 -9.19 -2.66
N LYS A 52 15.38 -8.49 -2.95
CA LYS A 52 16.53 -9.16 -3.54
C LYS A 52 17.23 -10.00 -2.50
N THR A 53 17.43 -9.43 -1.31
CA THR A 53 18.21 -10.12 -0.28
C THR A 53 17.43 -11.22 0.44
N PHE A 54 16.24 -10.92 0.95
CA PHE A 54 15.49 -11.90 1.76
C PHE A 54 14.41 -12.70 1.02
N GLY A 55 14.07 -12.31 -0.21
CA GLY A 55 13.05 -13.02 -0.95
C GLY A 55 11.65 -12.47 -0.72
N GLY A 56 10.75 -12.74 -1.66
CA GLY A 56 9.35 -12.37 -1.53
C GLY A 56 9.09 -10.89 -1.75
N CYS A 57 7.83 -10.48 -1.56
CA CYS A 57 7.49 -9.05 -1.63
C CYS A 57 7.48 -8.44 -0.20
N TRP A 58 8.11 -7.29 -0.04
CA TRP A 58 8.18 -6.62 1.25
C TRP A 58 7.45 -5.28 1.27
N GLN A 59 6.88 -4.91 2.41
CA GLN A 59 6.30 -3.58 2.52
C GLN A 59 7.06 -2.79 3.56
N VAL A 60 7.61 -1.65 3.13
CA VAL A 60 8.46 -0.82 3.99
C VAL A 60 7.72 0.47 4.30
N MET A 61 7.47 0.71 5.58
CA MET A 61 6.81 1.93 5.97
C MET A 61 7.73 2.76 6.85
N VAL A 62 7.92 4.02 6.48
CA VAL A 62 8.72 4.94 7.26
C VAL A 62 7.84 5.98 7.94
N VAL A 63 8.07 6.23 9.23
CA VAL A 63 7.26 7.18 9.99
C VAL A 63 8.07 8.26 10.70
N ASP A 64 7.59 9.49 10.61
CA ASP A 64 8.13 10.61 11.38
C ASP A 64 7.07 10.97 12.41
N GLY A 65 7.23 10.47 13.62
CA GLY A 65 6.14 10.54 14.57
C GLY A 65 6.00 9.34 15.50
N SER A 66 4.82 9.22 16.09
CA SER A 66 4.54 8.21 17.10
C SER A 66 3.35 7.37 16.66
N TYR A 67 3.30 6.07 16.99
CA TYR A 67 2.22 5.23 16.47
C TYR A 67 1.75 4.11 17.38
N TRP A 68 0.56 3.60 17.08
CA TRP A 68 -0.08 2.51 17.82
C TRP A 68 -0.73 1.43 16.94
N ILE A 69 -0.23 0.19 16.97
CA ILE A 69 -0.88 -0.90 16.23
C ILE A 69 -1.58 -1.92 17.12
N THR A 70 -2.74 -2.40 16.67
CA THR A 70 -3.40 -3.51 17.38
C THR A 70 -2.48 -4.71 17.33
N GLN A 71 -2.62 -5.63 18.25
CA GLN A 71 -1.79 -6.80 18.14
C GLN A 71 -2.60 -7.96 17.56
N THR A 72 -1.97 -8.65 16.64
CA THR A 72 -2.66 -9.63 15.86
C THR A 72 -1.62 -10.60 15.40
N PHE A 73 -2.04 -11.68 14.75
CA PHE A 73 -1.04 -12.64 14.29
C PHE A 73 -0.43 -12.12 13.00
N VAL A 74 0.87 -11.90 13.02
CA VAL A 74 1.57 -11.39 11.86
C VAL A 74 2.58 -12.43 11.40
N PRO A 75 2.26 -13.03 10.25
CA PRO A 75 2.83 -14.27 9.68
C PRO A 75 4.28 -14.22 9.17
N ASN A 76 4.73 -13.18 8.48
CA ASN A 76 6.08 -13.29 7.96
C ASN A 76 7.09 -12.45 8.72
N MET A 77 8.33 -12.43 8.24
CA MET A 77 9.38 -11.66 8.92
C MET A 77 8.89 -10.25 9.05
N SER A 78 9.13 -9.65 10.20
CA SER A 78 8.85 -8.26 10.42
C SER A 78 9.87 -7.69 11.38
N PHE A 79 10.37 -6.51 11.02
CA PHE A 79 11.39 -5.83 11.79
C PHE A 79 10.94 -4.39 11.99
N GLN A 80 11.03 -3.86 13.20
CA GLN A 80 10.62 -2.47 13.40
C GLN A 80 11.62 -1.75 14.28
N PHE A 81 12.27 -0.70 13.75
CA PHE A 81 13.34 -0.03 14.48
C PHE A 81 13.38 1.47 14.22
N GLU A 82 13.86 2.21 15.23
CA GLU A 82 14.01 3.68 15.17
C GLU A 82 15.46 4.02 14.89
N LEU A 83 15.69 4.82 13.85
CA LEU A 83 17.03 5.31 13.55
C LEU A 83 16.97 6.85 13.45
N TYR A 84 17.61 7.49 14.42
CA TYR A 84 17.61 8.94 14.57
C TYR A 84 16.19 9.50 14.66
N ASN A 85 15.39 8.89 15.54
CA ASN A 85 13.98 9.28 15.73
C ASN A 85 13.14 9.31 14.44
N ARG A 86 13.39 8.34 13.55
CA ARG A 86 12.51 8.06 12.43
C ARG A 86 12.32 6.55 12.35
N ALA A 87 11.09 6.08 12.49
CA ALA A 87 10.84 4.63 12.57
C ALA A 87 10.76 4.00 11.19
N TYR A 88 11.24 2.76 11.13
CA TYR A 88 11.21 1.97 9.92
C TYR A 88 10.51 0.65 10.17
N LEU A 89 9.46 0.37 9.41
CA LEU A 89 8.72 -0.88 9.57
C LEU A 89 8.93 -1.78 8.34
N PHE A 90 9.37 -3.01 8.58
CA PHE A 90 9.49 -3.99 7.50
C PHE A 90 8.51 -5.13 7.71
N TRP A 91 7.81 -5.49 6.63
CA TRP A 91 6.94 -6.66 6.55
C TRP A 91 7.22 -7.41 5.27
N GLN A 92 7.60 -8.67 5.36
CA GLN A 92 7.59 -9.50 4.17
C GLN A 92 6.14 -9.91 3.93
N THR A 93 5.59 -9.57 2.76
CA THR A 93 4.18 -9.86 2.51
C THR A 93 3.96 -11.20 1.80
N SER A 94 5.01 -11.79 1.25
CA SER A 94 4.97 -13.13 0.63
C SER A 94 6.38 -13.68 0.54
N GLU A 95 6.54 -15.00 0.35
CA GLU A 95 7.88 -15.51 0.01
C GLU A 95 7.87 -16.32 -1.29
N PRO B 1 14.74 2.87 -10.47
CA PRO B 1 13.84 2.96 -11.63
C PRO B 1 12.47 3.56 -11.29
N SER B 2 11.73 3.97 -12.31
CA SER B 2 10.40 4.56 -12.13
C SER B 2 9.57 4.41 -13.41
N LEU B 3 8.32 4.87 -13.38
CA LEU B 3 7.45 4.81 -14.55
C LEU B 3 7.80 5.92 -15.53
N PRO B 4 7.82 5.58 -16.82
CA PRO B 4 8.04 6.57 -17.87
C PRO B 4 7.07 7.74 -17.73
N PRO B 5 7.49 8.94 -18.18
CA PRO B 5 6.66 10.14 -18.07
C PRO B 5 5.37 10.06 -18.89
N GLU B 6 5.38 9.30 -19.99
CA GLU B 6 4.16 9.11 -20.77
C GLU B 6 3.04 8.50 -19.94
N ILE B 7 3.35 7.59 -19.03
CA ILE B 7 2.32 6.98 -18.20
C ILE B 7 1.90 7.87 -17.03
N ILE B 8 0.61 8.17 -16.99
CA ILE B 8 0.02 8.91 -15.89
C ILE B 8 -0.93 8.00 -15.12
N VAL B 9 -0.53 7.64 -13.91
CA VAL B 9 -1.27 6.67 -13.11
C VAL B 9 -2.62 7.21 -12.58
N ILE B 10 -3.70 6.52 -12.93
CA ILE B 10 -5.01 6.80 -12.36
C ILE B 10 -5.28 6.11 -11.00
N SER B 11 -5.00 4.81 -10.92
CA SER B 11 -5.11 4.04 -9.68
C SER B 11 -4.23 2.82 -9.77
N ALA B 12 -3.76 2.33 -8.63
CA ALA B 12 -2.99 1.10 -8.65
C ALA B 12 -3.23 0.28 -7.40
N ASN B 13 -3.45 -1.03 -7.55
CA ASN B 13 -3.13 -1.94 -6.45
C ASN B 13 -2.10 -2.92 -6.98
N MET B 14 -0.84 -2.62 -6.74
CA MET B 14 0.23 -3.25 -7.48
C MET B 14 1.58 -2.62 -7.08
N SER B 15 2.65 -3.37 -7.27
CA SER B 15 4.01 -2.87 -7.06
C SER B 15 4.42 -2.04 -8.25
N LEU B 16 5.41 -1.15 -8.08
CA LEU B 16 5.94 -0.40 -9.22
C LEU B 16 6.54 -1.33 -10.24
N GLU B 17 7.18 -2.39 -9.75
CA GLU B 17 7.82 -3.33 -10.65
C GLU B 17 6.81 -3.94 -11.63
N ASP B 18 5.66 -4.37 -11.14
CA ASP B 18 4.67 -4.92 -12.05
C ASP B 18 3.99 -3.80 -12.84
N GLN B 19 4.03 -2.60 -12.30
CA GLN B 19 3.43 -1.46 -12.96
C GLN B 19 4.27 -1.11 -14.16
N ILE B 20 5.56 -1.09 -13.93
CA ILE B 20 6.54 -0.75 -14.95
C ILE B 20 6.54 -1.70 -16.11
N LYS B 21 6.41 -3.00 -15.88
CA LYS B 21 6.57 -3.88 -17.03
C LYS B 21 5.27 -3.97 -17.85
N ILE B 22 4.16 -3.54 -17.27
CA ILE B 22 2.96 -3.25 -18.03
C ILE B 22 3.16 -2.00 -18.90
N ALA B 23 3.85 -1.01 -18.34
CA ALA B 23 4.19 0.20 -19.10
C ALA B 23 5.01 -0.17 -20.34
N ARG B 24 6.14 -0.81 -20.08
CA ARG B 24 7.09 -1.31 -21.08
C ARG B 24 6.42 -2.09 -22.22
N GLU B 25 5.50 -2.99 -21.86
CA GLU B 25 4.83 -3.81 -22.85
C GLU B 25 3.79 -3.01 -23.64
N THR B 26 3.17 -2.04 -22.98
CA THR B 26 2.11 -1.24 -23.58
C THR B 26 2.55 -0.11 -24.53
N ILE B 27 3.47 0.74 -24.08
CA ILE B 27 3.79 1.98 -24.81
C ILE B 27 4.18 1.79 -26.27
N PRO B 28 4.99 0.76 -26.59
CA PRO B 28 5.27 0.60 -28.02
C PRO B 28 4.07 0.17 -28.87
N ILE B 29 3.27 -0.78 -28.41
CA ILE B 29 2.23 -1.28 -29.29
C ILE B 29 0.87 -0.58 -29.15
N ALA B 30 0.69 0.22 -28.10
CA ALA B 30 -0.62 0.85 -27.86
C ALA B 30 -1.02 2.03 -28.79
N PRO B 31 -0.19 3.10 -28.89
CA PRO B 31 -0.56 4.28 -29.71
C PRO B 31 -0.68 3.99 -31.20
N GLY B 32 -0.14 2.84 -31.61
CA GLY B 32 -0.24 2.42 -32.99
C GLY B 32 -1.66 2.06 -33.40
N ALA B 33 -2.47 1.57 -32.45
CA ALA B 33 -3.79 1.03 -32.80
C ALA B 33 -4.89 2.12 -32.72
N GLN B 34 -5.50 2.46 -33.85
CA GLN B 34 -6.52 3.56 -33.87
C GLN B 34 -8.06 3.36 -33.90
N THR B 35 -8.55 2.29 -34.48
CA THR B 35 -9.95 1.89 -34.26
C THR B 35 -10.13 0.37 -34.23
N SER B 36 -11.37 -0.08 -34.29
CA SER B 36 -11.80 -1.16 -33.45
C SER B 36 -11.21 -2.53 -33.73
N GLU B 37 -10.84 -2.85 -34.97
CA GLU B 37 -10.29 -4.18 -35.15
C GLU B 37 -8.80 -4.32 -34.83
N GLU B 38 -8.08 -3.19 -34.72
CA GLU B 38 -6.75 -3.21 -34.13
C GLU B 38 -6.80 -3.14 -32.60
N LEU B 39 -7.79 -2.44 -32.04
CA LEU B 39 -7.90 -2.28 -30.58
C LEU B 39 -8.49 -3.53 -29.96
N GLY B 40 -9.43 -4.13 -30.69
CA GLY B 40 -10.05 -5.38 -30.31
C GLY B 40 -9.01 -6.44 -30.02
N ARG B 41 -8.02 -6.56 -30.90
CA ARG B 41 -6.96 -7.54 -30.70
C ARG B 41 -5.75 -6.91 -30.01
N LEU B 42 -5.83 -5.62 -29.68
CA LEU B 42 -4.83 -5.00 -28.79
C LEU B 42 -5.09 -5.36 -27.33
N THR B 43 -6.33 -5.15 -26.89
CA THR B 43 -6.67 -5.51 -25.53
C THR B 43 -6.33 -6.97 -25.37
N GLU B 44 -6.72 -7.80 -26.32
CA GLU B 44 -6.52 -9.24 -26.21
C GLU B 44 -5.06 -9.70 -26.05
N ASN B 45 -4.10 -9.14 -26.79
CA ASN B 45 -2.71 -9.53 -26.54
C ASN B 45 -2.09 -8.75 -25.35
N LEU B 46 -2.78 -7.73 -24.86
CA LEU B 46 -2.39 -7.15 -23.57
C LEU B 46 -2.87 -8.05 -22.42
N LYS B 47 -4.13 -8.46 -22.49
CA LYS B 47 -4.65 -9.47 -21.57
C LYS B 47 -3.72 -10.66 -21.60
N SER B 48 -3.39 -11.11 -22.81
CA SER B 48 -2.55 -12.28 -22.99
C SER B 48 -1.12 -12.07 -22.50
N PHE B 49 -0.70 -10.81 -22.42
CA PHE B 49 0.59 -10.48 -21.80
C PHE B 49 0.54 -10.65 -20.29
N ALA B 50 -0.53 -10.16 -19.68
CA ALA B 50 -0.65 -10.16 -18.24
C ALA B 50 -0.75 -11.59 -17.74
N ASP B 51 -1.63 -12.38 -18.35
CA ASP B 51 -1.86 -13.77 -17.91
C ASP B 51 -0.57 -14.58 -17.97
N LYS B 52 0.25 -14.29 -18.98
CA LYS B 52 1.52 -14.98 -19.13
C LYS B 52 2.48 -14.54 -18.04
N THR B 53 2.56 -13.23 -17.83
CA THR B 53 3.54 -12.69 -16.90
C THR B 53 3.13 -12.79 -15.43
N PHE B 54 1.92 -12.33 -15.10
CA PHE B 54 1.51 -12.22 -13.69
C PHE B 54 0.66 -13.38 -13.16
N GLY B 55 0.16 -14.23 -14.05
CA GLY B 55 -0.68 -15.33 -13.63
C GLY B 55 -2.15 -14.95 -13.60
N GLY B 56 -3.01 -15.96 -13.70
CA GLY B 56 -4.44 -15.79 -13.61
C GLY B 56 -5.09 -15.25 -14.87
N CYS B 57 -6.41 -15.00 -14.80
CA CYS B 57 -7.10 -14.36 -15.92
C CYS B 57 -7.23 -12.85 -15.66
N TRP B 58 -6.88 -12.07 -16.66
CA TRP B 58 -6.91 -10.62 -16.60
C TRP B 58 -7.96 -10.01 -17.51
N GLN B 59 -8.51 -8.86 -17.10
CA GLN B 59 -9.42 -8.12 -17.95
C GLN B 59 -8.86 -6.74 -18.26
N VAL B 60 -8.69 -6.46 -19.55
CA VAL B 60 -8.09 -5.19 -19.97
C VAL B 60 -9.15 -4.35 -20.66
N MET B 61 -9.41 -3.17 -20.12
CA MET B 61 -10.37 -2.28 -20.74
C MET B 61 -9.74 -0.95 -21.15
N VAL B 62 -9.90 -0.56 -22.41
CA VAL B 62 -9.41 0.73 -22.92
C VAL B 62 -10.54 1.74 -23.12
N VAL B 63 -10.35 2.98 -22.66
CA VAL B 63 -11.39 3.99 -22.76
C VAL B 63 -10.92 5.25 -23.49
N ASP B 64 -11.75 5.71 -24.42
CA ASP B 64 -11.58 6.99 -25.13
C ASP B 64 -12.73 7.97 -24.86
N GLY B 65 -12.53 9.00 -24.03
CA GLY B 65 -11.51 9.05 -23.02
C GLY B 65 -11.91 9.24 -21.54
N SER B 66 -13.19 9.45 -21.22
CA SER B 66 -13.51 9.84 -19.82
C SER B 66 -14.52 8.96 -19.06
N TYR B 67 -14.26 8.71 -17.78
CA TYR B 67 -15.13 7.77 -17.02
C TYR B 67 -15.25 7.97 -15.50
N TRP B 68 -16.30 7.39 -14.90
CA TRP B 68 -16.56 7.45 -13.46
C TRP B 68 -16.96 6.08 -12.87
N ILE B 69 -16.16 5.51 -11.98
CA ILE B 69 -16.53 4.22 -11.35
C ILE B 69 -16.95 4.39 -9.90
N THR B 70 -17.96 3.63 -9.47
CA THR B 70 -18.29 3.60 -8.05
C THR B 70 -17.09 3.05 -7.31
N GLN B 71 -16.97 3.38 -6.04
CA GLN B 71 -15.85 2.85 -5.30
C GLN B 71 -16.37 1.70 -4.45
N THR B 72 -15.64 0.60 -4.48
CA THR B 72 -16.12 -0.64 -3.89
C THR B 72 -14.89 -1.47 -3.57
N PHE B 73 -15.08 -2.63 -2.94
CA PHE B 73 -13.92 -3.46 -2.66
C PHE B 73 -13.51 -4.26 -3.89
N VAL B 74 -12.27 -4.04 -4.33
CA VAL B 74 -11.74 -4.73 -5.48
C VAL B 74 -10.51 -5.54 -5.09
N PRO B 75 -10.67 -6.87 -5.11
CA PRO B 75 -9.77 -7.89 -4.54
C PRO B 75 -8.43 -8.11 -5.25
N ASN B 76 -8.33 -8.07 -6.58
CA ASN B 76 -7.03 -8.42 -7.14
C ASN B 76 -6.25 -7.24 -7.68
N MET B 77 -5.08 -7.51 -8.27
CA MET B 77 -4.25 -6.44 -8.82
C MET B 77 -5.08 -5.63 -9.79
N SER B 78 -4.92 -4.31 -9.73
CA SER B 78 -5.55 -3.45 -10.69
C SER B 78 -4.66 -2.28 -10.96
N PHE B 79 -4.52 -1.96 -12.22
CA PHE B 79 -3.68 -0.83 -12.59
C PHE B 79 -4.45 0.03 -13.59
N GLN B 80 -4.44 1.34 -13.40
CA GLN B 80 -5.15 2.20 -14.32
C GLN B 80 -4.29 3.39 -14.72
N PHE B 81 -3.95 3.49 -15.99
CA PHE B 81 -3.03 4.53 -16.43
C PHE B 81 -3.38 5.09 -17.79
N GLU B 82 -3.03 6.36 -17.98
CA GLU B 82 -3.31 7.11 -19.20
C GLU B 82 -2.03 7.22 -20.05
N LEU B 83 -2.09 6.79 -21.30
CA LEU B 83 -0.97 6.93 -22.22
C LEU B 83 -1.43 7.60 -23.50
N TYR B 84 -0.94 8.82 -23.71
CA TYR B 84 -1.30 9.66 -24.85
C TYR B 84 -2.81 9.90 -24.93
N ASN B 85 -3.39 10.28 -23.78
CA ASN B 85 -4.84 10.49 -23.64
C ASN B 85 -5.71 9.33 -24.12
N ARG B 86 -5.27 8.11 -23.84
CA ARG B 86 -6.12 6.93 -23.99
C ARG B 86 -5.91 6.08 -22.73
N ALA B 87 -6.97 5.85 -21.97
CA ALA B 87 -6.84 5.16 -20.68
C ALA B 87 -6.82 3.66 -20.83
N TYR B 88 -6.06 3.03 -19.95
CA TYR B 88 -5.93 1.59 -19.90
C TYR B 88 -6.24 1.08 -18.50
N LEU B 89 -7.23 0.19 -18.39
CA LEU B 89 -7.61 -0.41 -17.11
C LEU B 89 -7.25 -1.89 -17.08
N PHE B 90 -6.51 -2.29 -16.05
CA PHE B 90 -6.18 -3.68 -15.84
C PHE B 90 -6.85 -4.21 -14.56
N TRP B 91 -7.45 -5.40 -14.69
CA TRP B 91 -7.99 -6.14 -13.55
C TRP B 91 -7.57 -7.59 -13.63
N GLN B 92 -6.88 -8.09 -12.63
CA GLN B 92 -6.72 -9.53 -12.54
C GLN B 92 -8.00 -10.12 -11.96
N THR B 93 -8.66 -11.00 -12.71
CA THR B 93 -9.94 -11.56 -12.25
C THR B 93 -9.81 -12.88 -11.53
N SER B 94 -8.63 -13.51 -11.61
CA SER B 94 -8.35 -14.78 -10.91
C SER B 94 -6.85 -14.99 -10.80
N GLU B 95 -6.43 -15.91 -9.92
CA GLU B 95 -5.04 -16.37 -9.90
C GLU B 95 -4.94 -17.87 -10.15
N PRO C 1 -26.22 10.59 2.25
CA PRO C 1 -25.10 9.90 2.90
C PRO C 1 -23.77 9.98 2.14
N SER C 2 -22.78 10.57 2.80
CA SER C 2 -21.42 10.74 2.30
C SER C 2 -20.50 10.83 3.53
N LEU C 3 -19.19 10.95 3.35
CA LEU C 3 -18.30 11.03 4.51
C LEU C 3 -18.28 12.42 5.13
N PRO C 4 -18.31 12.49 6.46
CA PRO C 4 -18.18 13.75 7.17
C PRO C 4 -16.95 14.52 6.71
N PRO C 5 -17.01 15.86 6.76
CA PRO C 5 -15.90 16.72 6.35
C PRO C 5 -14.71 16.53 7.26
N GLU C 6 -15.01 16.17 8.50
CA GLU C 6 -14.00 15.94 9.53
C GLU C 6 -12.99 14.88 9.04
N ILE C 7 -13.51 13.86 8.39
CA ILE C 7 -12.71 12.76 7.83
C ILE C 7 -12.11 13.05 6.43
N ILE C 8 -10.79 12.93 6.34
CA ILE C 8 -10.07 13.16 5.09
C ILE C 8 -9.42 11.88 4.57
N VAL C 9 -9.93 11.35 3.47
CA VAL C 9 -9.44 10.07 2.96
C VAL C 9 -8.02 10.13 2.35
N ILE C 10 -7.12 9.31 2.90
CA ILE C 10 -5.79 9.07 2.33
C ILE C 10 -5.80 8.00 1.23
N SER C 11 -6.43 6.85 1.50
CA SER C 11 -6.59 5.76 0.54
C SER C 11 -7.78 4.86 0.92
N ALA C 12 -8.37 4.21 -0.06
CA ALA C 12 -9.45 3.30 0.28
C ALA C 12 -9.47 2.12 -0.68
N ASN C 13 -9.61 0.90 -0.16
CA ASN C 13 -10.21 -0.14 -0.98
C ASN C 13 -11.45 -0.63 -0.27
N MET C 14 -12.59 -0.07 -0.65
CA MET C 14 -13.76 -0.17 0.20
C MET C 14 -14.93 0.59 -0.39
N SER C 15 -16.15 0.17 -0.03
CA SER C 15 -17.35 0.90 -0.44
C SER C 15 -17.44 2.12 0.46
N LEU C 16 -18.16 3.15 0.01
CA LEU C 16 -18.36 4.33 0.85
C LEU C 16 -19.16 3.94 2.09
N GLU C 17 -20.08 3.01 1.91
CA GLU C 17 -20.94 2.57 2.98
C GLU C 17 -20.09 2.04 4.15
N ASP C 18 -19.09 1.23 3.83
CA ASP C 18 -18.20 0.72 4.85
C ASP C 18 -17.20 1.77 5.34
N GLN C 19 -16.96 2.80 4.55
CA GLN C 19 -16.07 3.87 4.98
C GLN C 19 -16.83 4.70 6.00
N ILE C 20 -18.08 4.96 5.66
CA ILE C 20 -18.96 5.77 6.48
C ILE C 20 -19.20 5.12 7.83
N LYS C 21 -19.38 3.80 7.89
CA LYS C 21 -19.71 3.29 9.21
C LYS C 21 -18.44 3.10 10.04
N ILE C 22 -17.28 3.09 9.38
CA ILE C 22 -16.03 3.27 10.10
C ILE C 22 -15.93 4.71 10.60
N ALA C 23 -16.41 5.64 9.78
CA ALA C 23 -16.44 7.05 10.18
C ALA C 23 -17.21 7.26 11.47
N ARG C 24 -18.50 6.94 11.42
CA ARG C 24 -19.42 7.06 12.55
C ARG C 24 -18.90 6.45 13.86
N GLU C 25 -18.30 5.26 13.81
CA GLU C 25 -17.79 4.61 15.01
C GLU C 25 -16.53 5.29 15.54
N THR C 26 -15.72 5.81 14.63
CA THR C 26 -14.43 6.39 15.00
C THR C 26 -14.51 7.80 15.60
N ILE C 27 -15.20 8.72 14.93
CA ILE C 27 -15.13 10.14 15.29
C ILE C 27 -15.51 10.45 16.75
N PRO C 28 -16.55 9.79 17.30
CA PRO C 28 -16.80 10.08 18.71
C PRO C 28 -15.73 9.60 19.69
N ILE C 29 -15.23 8.38 19.55
CA ILE C 29 -14.34 7.87 20.60
C ILE C 29 -12.87 8.16 20.33
N ALA C 30 -12.52 8.58 19.11
CA ALA C 30 -11.12 8.77 18.75
C ALA C 30 -10.41 10.00 19.36
N PRO C 31 -10.99 11.22 19.20
CA PRO C 31 -10.31 12.42 19.74
C PRO C 31 -10.13 12.49 21.26
N GLY C 32 -10.80 11.63 22.01
CA GLY C 32 -10.62 11.60 23.44
C GLY C 32 -9.24 11.13 23.88
N ALA C 33 -8.62 10.28 23.05
CA ALA C 33 -7.39 9.58 23.42
C ALA C 33 -6.07 10.28 23.02
N GLN C 34 -5.19 10.53 23.99
CA GLN C 34 -3.96 11.33 23.72
C GLN C 34 -2.58 10.67 23.99
N THR C 35 -2.35 10.13 25.18
CA THR C 35 -1.12 9.38 25.40
C THR C 35 -1.34 7.88 25.20
N SER C 36 -0.35 7.07 25.59
CA SER C 36 -0.24 5.74 25.00
C SER C 36 -1.23 4.61 25.39
N GLU C 37 -1.79 4.50 26.60
CA GLU C 37 -2.81 3.44 26.72
C GLU C 37 -4.19 3.99 26.35
N GLU C 38 -4.27 5.30 26.21
CA GLU C 38 -5.46 5.89 25.65
C GLU C 38 -5.62 5.28 24.26
N LEU C 39 -4.52 5.26 23.52
CA LEU C 39 -4.54 4.87 22.12
C LEU C 39 -4.50 3.34 21.98
N GLY C 40 -3.77 2.72 22.90
CA GLY C 40 -3.61 1.28 22.95
C GLY C 40 -4.90 0.49 22.93
N ARG C 41 -5.88 0.82 23.78
CA ARG C 41 -7.13 0.09 23.71
C ARG C 41 -8.12 0.90 22.85
N LEU C 42 -7.68 2.03 22.29
CA LEU C 42 -8.51 2.66 21.27
C LEU C 42 -8.45 1.85 19.99
N THR C 43 -7.22 1.59 19.56
CA THR C 43 -7.00 0.78 18.37
C THR C 43 -7.72 -0.53 18.58
N GLU C 44 -7.52 -1.12 19.76
CA GLU C 44 -8.12 -2.42 20.06
C GLU C 44 -9.65 -2.43 19.98
N ASN C 45 -10.33 -1.36 20.46
CA ASN C 45 -11.78 -1.33 20.27
C ASN C 45 -12.19 -0.93 18.87
N LEU C 46 -11.25 -0.41 18.10
CA LEU C 46 -11.51 -0.18 16.69
C LEU C 46 -11.36 -1.49 15.91
N LYS C 47 -10.27 -2.20 16.17
CA LYS C 47 -10.09 -3.52 15.60
C LYS C 47 -11.32 -4.36 15.91
N SER C 48 -11.68 -4.39 17.20
CA SER C 48 -12.78 -5.21 17.67
C SER C 48 -14.11 -4.73 17.13
N PHE C 49 -14.18 -3.47 16.70
CA PHE C 49 -15.35 -2.98 15.98
C PHE C 49 -15.45 -3.57 14.57
N ALA C 50 -14.32 -3.59 13.88
CA ALA C 50 -14.31 -4.03 12.49
C ALA C 50 -14.63 -5.51 12.40
N ASP C 51 -13.99 -6.33 13.24
CA ASP C 51 -14.16 -7.79 13.20
C ASP C 51 -15.62 -8.17 13.41
N LYS C 52 -16.33 -7.38 14.23
CA LYS C 52 -17.74 -7.61 14.48
C LYS C 52 -18.57 -7.26 13.26
N THR C 53 -18.30 -6.08 12.70
CA THR C 53 -19.11 -5.56 11.60
C THR C 53 -18.76 -6.12 10.21
N PHE C 54 -17.47 -6.07 9.86
CA PHE C 54 -17.02 -6.42 8.51
C PHE C 54 -16.49 -7.85 8.36
N GLY C 55 -16.25 -8.55 9.47
CA GLY C 55 -15.75 -9.91 9.36
C GLY C 55 -14.24 -10.00 9.31
N GLY C 56 -13.71 -11.16 9.64
CA GLY C 56 -12.28 -11.43 9.55
C GLY C 56 -11.47 -10.80 10.67
N CYS C 57 -10.16 -10.93 10.58
CA CYS C 57 -9.26 -10.29 11.52
C CYS C 57 -8.79 -8.95 10.91
N TRP C 58 -8.87 -7.88 11.70
CA TRP C 58 -8.45 -6.56 11.24
C TRP C 58 -7.24 -6.02 11.98
N GLN C 59 -6.41 -5.24 11.29
CA GLN C 59 -5.31 -4.55 11.95
C GLN C 59 -5.50 -3.05 11.83
N VAL C 60 -5.54 -2.37 12.99
CA VAL C 60 -5.75 -0.93 13.02
C VAL C 60 -4.49 -0.23 13.50
N MET C 61 -3.95 0.67 12.68
CA MET C 61 -2.78 1.43 13.09
C MET C 61 -3.06 2.93 13.14
N VAL C 62 -2.75 3.55 14.28
CA VAL C 62 -2.91 5.02 14.44
C VAL C 62 -1.55 5.74 14.42
N VAL C 63 -1.46 6.82 13.66
CA VAL C 63 -0.20 7.58 13.56
C VAL C 63 -0.33 9.05 13.93
N ASP C 64 0.61 9.55 14.73
CA ASP C 64 0.72 10.98 15.03
C ASP C 64 1.99 11.46 14.33
N GLY C 65 1.83 12.03 13.14
CA GLY C 65 2.99 12.27 12.30
C GLY C 65 2.73 12.03 10.81
N SER C 66 3.82 11.91 10.05
CA SER C 66 3.80 11.79 8.59
C SER C 66 4.50 10.49 8.17
N TYR C 67 4.04 9.84 7.11
CA TYR C 67 4.60 8.53 6.75
C TYR C 67 4.67 8.23 5.26
N TRP C 68 5.52 7.26 4.91
CA TRP C 68 5.73 6.85 3.52
C TRP C 68 5.72 5.34 3.34
N ILE C 69 4.73 4.79 2.61
CA ILE C 69 4.70 3.34 2.37
C ILE C 69 5.06 2.97 0.95
N THR C 70 5.84 1.90 0.77
CA THR C 70 6.07 1.40 -0.58
C THR C 70 4.74 0.95 -1.09
N GLN C 71 4.56 0.94 -2.39
CA GLN C 71 3.29 0.45 -2.86
C GLN C 71 3.49 -0.97 -3.41
N THR C 72 2.54 -1.82 -3.07
CA THR C 72 2.68 -3.23 -3.28
C THR C 72 1.26 -3.72 -3.42
N PHE C 73 1.06 -4.99 -3.76
CA PHE C 73 -0.30 -5.48 -3.90
C PHE C 73 -0.87 -5.79 -2.52
N VAL C 74 -1.95 -5.11 -2.15
CA VAL C 74 -2.56 -5.26 -0.85
C VAL C 74 -3.97 -5.79 -1.03
N PRO C 75 -4.17 -7.07 -0.67
CA PRO C 75 -5.31 -7.95 -1.00
C PRO C 75 -6.66 -7.63 -0.34
N ASN C 76 -6.73 -7.22 0.92
CA ASN C 76 -8.05 -7.02 1.53
C ASN C 76 -8.43 -5.57 1.67
N MET C 77 -9.60 -5.33 2.27
CA MET C 77 -10.09 -3.97 2.43
C MET C 77 -9.05 -3.14 3.18
N SER C 78 -8.85 -1.90 2.75
CA SER C 78 -7.98 -1.00 3.45
C SER C 78 -8.52 0.40 3.34
N PHE C 79 -8.53 1.08 4.47
CA PHE C 79 -9.07 2.43 4.52
C PHE C 79 -8.03 3.27 5.25
N GLN C 80 -7.72 4.45 4.72
CA GLN C 80 -6.75 5.30 5.39
C GLN C 80 -7.25 6.74 5.39
N PHE C 81 -7.46 7.30 6.58
CA PHE C 81 -8.05 8.63 6.71
C PHE C 81 -7.51 9.40 7.90
N GLU C 82 -7.50 10.72 7.79
CA GLU C 82 -7.05 11.62 8.85
C GLU C 82 -8.27 12.24 9.53
N LEU C 83 -8.33 12.15 10.85
CA LEU C 83 -9.38 12.81 11.62
C LEU C 83 -8.72 13.69 12.67
N TYR C 84 -8.86 15.01 12.50
CA TYR C 84 -8.25 16.02 13.34
C TYR C 84 -6.71 15.88 13.41
N ASN C 85 -6.09 15.77 12.23
CA ASN C 85 -4.64 15.56 12.11
C ASN C 85 -4.07 14.36 12.89
N ARG C 86 -4.82 13.26 12.90
CA ARG C 86 -4.31 11.97 13.35
C ARG C 86 -4.75 10.86 12.40
N ALA C 87 -3.80 10.14 11.81
CA ALA C 87 -4.11 9.14 10.78
C ALA C 87 -4.56 7.81 11.36
N TYR C 88 -5.47 7.17 10.63
CA TYR C 88 -6.00 5.87 10.98
C TYR C 88 -5.86 4.93 9.79
N LEU C 89 -5.17 3.81 9.99
CA LEU C 89 -5.00 2.81 8.95
C LEU C 89 -5.78 1.52 9.30
N PHE C 90 -6.66 1.10 8.40
CA PHE C 90 -7.37 -0.15 8.58
C PHE C 90 -6.96 -1.16 7.52
N TRP C 91 -6.69 -2.39 7.97
CA TRP C 91 -6.42 -3.53 7.12
C TRP C 91 -7.23 -4.69 7.58
N GLN C 92 -8.05 -5.27 6.71
CA GLN C 92 -8.60 -6.57 7.01
C GLN C 92 -7.50 -7.59 6.69
N THR C 93 -7.08 -8.37 7.68
CA THR C 93 -5.99 -9.34 7.47
C THR C 93 -6.51 -10.76 7.16
N SER C 94 -7.81 -10.99 7.33
CA SER C 94 -8.46 -12.29 7.06
C SER C 94 -9.93 -12.09 6.79
N GLU C 95 -10.60 -13.12 6.29
CA GLU C 95 -12.04 -13.05 6.10
C GLU C 95 -12.79 -14.08 6.95
#